data_6HHJ
#
_entry.id   6HHJ
#
_cell.length_a   70.050
_cell.length_b   71.370
_cell.length_c   90.960
_cell.angle_alpha   90.00
_cell.angle_beta   90.00
_cell.angle_gamma   90.00
#
_symmetry.space_group_name_H-M   'P 21 21 21'
#
loop_
_entity.id
_entity.type
_entity.pdbx_description
1 polymer 'RAC-alpha serine/threonine-protein kinase'
2 non-polymer ~{N}-[1-methyl-2-oxidanylidene-3-[1-[[4-(5-oxidanylidene-3-phenyl-6~{H}-1,6-naphthyridin-2-yl)phenyl]methyl]piperidin-4-yl]benzimidazol-5-yl]propanamide
3 water water
#
_entity_poly.entity_id   1
_entity_poly.type   'polypeptide(L)'
_entity_poly.pdbx_seq_one_letter_code
;GSDVAIVKEGWLHKRGEYIKTWRPRYFLLKNDGTFIGYKERPQDVDQREAPLNNFSVAQCQLMKTERPRPNTFIIRCLQW
TTVIERTFHVETPEEREEWTTAIQTVADGLKKQAAAEMDFRSGSPSDNSGAEEMEVSLAKPKHRVTMNEFEYLKLLGKGT
FGKVILVKEKATGRYYAMKILKKEVIVAKDEVAHTLTENRVLQNSRHPFLTALKYSFQTHDRLCFVMEYANGGELFFHLS
RERVFSEDRARFYGAEIVSALDYLHSEKNVVYRDLKLENLMLDKDGHIKITDFGLCKEGIKDGATMKTFCGTPEYLAPEV
LEDNDYGRAVDWWGLGVVMYEMMCGRLPFYNQDHEKLFELILMEEIRFPRTLGPEAKSLLSGLLKKDPKQRLGGGSEDAK
EIMQHRFFAGIVWQHVYEKKLSPPFKPQVTSETDTRYFDEEFTAQM
;
_entity_poly.pdbx_strand_id   A
#
# COMPACT_ATOMS: atom_id res chain seq x y z
N ASP A 3 12.28 -9.84 25.26
CA ASP A 3 12.38 -11.27 24.97
C ASP A 3 12.40 -11.53 23.47
N VAL A 4 12.45 -10.45 22.69
CA VAL A 4 12.50 -10.56 21.23
C VAL A 4 13.90 -10.97 20.78
N ALA A 5 14.01 -12.16 20.20
CA ALA A 5 15.31 -12.68 19.78
C ALA A 5 15.26 -13.31 18.38
N ILE A 6 16.43 -13.51 17.80
CA ILE A 6 16.55 -14.12 16.48
C ILE A 6 16.44 -15.64 16.57
N VAL A 7 15.58 -16.22 15.73
CA VAL A 7 15.42 -17.67 15.68
C VAL A 7 16.37 -18.26 14.64
N LYS A 8 16.45 -17.63 13.48
CA LYS A 8 17.31 -18.09 12.41
C LYS A 8 17.71 -16.94 11.49
N GLU A 9 18.94 -16.97 10.98
CA GLU A 9 19.42 -15.96 10.05
C GLU A 9 20.37 -16.56 9.04
N GLY A 10 20.51 -15.91 7.88
CA GLY A 10 21.38 -16.39 6.84
C GLY A 10 21.06 -15.80 5.48
N TRP A 11 21.81 -16.21 4.47
CA TRP A 11 21.64 -15.67 3.12
C TRP A 11 20.55 -16.42 2.35
N LEU A 12 19.69 -15.66 1.67
CA LEU A 12 18.63 -16.22 0.85
C LEU A 12 18.64 -15.59 -0.54
N HIS A 13 17.83 -16.14 -1.43
CA HIS A 13 17.58 -15.53 -2.72
C HIS A 13 16.12 -15.12 -2.81
N LYS A 14 15.86 -13.81 -2.74
CA LYS A 14 14.50 -13.29 -2.77
C LYS A 14 14.15 -12.72 -4.14
N ARG A 15 13.04 -13.18 -4.70
CA ARG A 15 12.57 -12.64 -5.98
C ARG A 15 12.01 -11.24 -5.76
N GLY A 16 12.39 -10.31 -6.64
CA GLY A 16 11.93 -8.94 -6.53
C GLY A 16 10.42 -8.82 -6.59
N GLU A 17 9.88 -7.90 -5.80
CA GLU A 17 8.42 -7.74 -5.69
C GLU A 17 7.86 -6.94 -6.86
N TYR A 18 8.68 -6.08 -7.44
CA TYR A 18 8.26 -5.29 -8.60
C TYR A 18 9.13 -5.61 -9.81
N ILE A 19 10.44 -5.59 -9.63
CA ILE A 19 11.36 -6.12 -10.63
C ILE A 19 11.65 -7.58 -10.28
N LYS A 20 10.89 -8.49 -10.87
CA LYS A 20 10.94 -9.89 -10.47
C LYS A 20 12.19 -10.61 -10.95
N THR A 21 13.29 -10.37 -10.25
CA THR A 21 14.54 -11.09 -10.45
C THR A 21 15.07 -11.52 -9.09
N TRP A 22 15.88 -12.58 -9.07
CA TRP A 22 16.39 -13.11 -7.81
C TRP A 22 17.53 -12.27 -7.27
N ARG A 23 17.38 -11.81 -6.03
CA ARG A 23 18.39 -10.99 -5.38
C ARG A 23 18.88 -11.62 -4.08
N PRO A 24 20.21 -11.68 -3.91
CA PRO A 24 20.80 -12.18 -2.66
C PRO A 24 20.50 -11.27 -1.48
N ARG A 25 19.81 -11.79 -0.47
CA ARG A 25 19.46 -11.00 0.70
C ARG A 25 19.74 -11.77 1.99
N TYR A 26 20.19 -11.06 3.02
CA TYR A 26 20.42 -11.67 4.32
C TYR A 26 19.18 -11.47 5.19
N PHE A 27 18.45 -12.55 5.45
CA PHE A 27 17.20 -12.48 6.17
C PHE A 27 17.33 -12.83 7.65
N LEU A 28 16.53 -12.16 8.47
CA LEU A 28 16.50 -12.41 9.91
C LEU A 28 15.11 -12.86 10.35
N LEU A 29 15.03 -14.06 10.93
CA LEU A 29 13.79 -14.56 11.49
C LEU A 29 13.78 -14.37 13.00
N LYS A 30 12.77 -13.66 13.51
CA LYS A 30 12.68 -13.38 14.94
C LYS A 30 11.45 -14.04 15.56
N ASN A 31 11.46 -14.17 16.88
CA ASN A 31 10.41 -14.86 17.60
C ASN A 31 9.11 -14.06 17.70
N ASP A 32 9.16 -12.81 17.29
CA ASP A 32 7.97 -11.96 17.31
C ASP A 32 7.19 -12.11 16.00
N GLY A 33 7.80 -12.78 15.04
CA GLY A 33 7.15 -13.07 13.77
C GLY A 33 7.74 -12.35 12.58
N THR A 34 8.64 -11.40 12.85
CA THR A 34 9.23 -10.59 11.79
C THR A 34 10.23 -11.38 10.95
N PHE A 35 10.13 -11.23 9.63
CA PHE A 35 11.05 -11.87 8.69
C PHE A 35 11.54 -10.82 7.68
N ILE A 36 12.72 -10.27 7.94
CA ILE A 36 13.25 -9.14 7.17
C ILE A 36 14.61 -9.44 6.54
N GLY A 37 14.76 -9.07 5.28
CA GLY A 37 16.01 -9.27 4.56
C GLY A 37 16.74 -7.97 4.28
N TYR A 38 18.08 -8.05 4.28
CA TYR A 38 18.91 -6.87 4.05
C TYR A 38 19.91 -7.14 2.92
N LYS A 39 20.44 -6.07 2.33
CA LYS A 39 21.49 -6.21 1.30
C LYS A 39 22.76 -6.76 1.93
N GLU A 40 23.08 -6.27 3.12
CA GLU A 40 24.19 -6.79 3.92
C GLU A 40 23.69 -6.99 5.35
N ARG A 41 24.22 -8.00 6.04
CA ARG A 41 23.80 -8.27 7.40
C ARG A 41 24.12 -7.09 8.31
N PRO A 42 23.08 -6.50 8.94
CA PRO A 42 23.17 -5.25 9.70
C PRO A 42 23.98 -5.37 10.99
N GLN A 43 24.54 -4.25 11.43
CA GLN A 43 25.31 -4.21 12.67
C GLN A 43 24.39 -4.35 13.88
N ASP A 44 23.23 -3.72 13.82
CA ASP A 44 22.25 -3.80 14.90
C ASP A 44 21.13 -4.76 14.53
N GLN A 47 16.34 -1.47 16.54
CA GLN A 47 15.56 -2.42 17.31
C GLN A 47 14.41 -1.76 18.05
N ARG A 48 14.65 -0.56 18.56
CA ARG A 48 13.74 0.12 19.46
C ARG A 48 12.37 0.43 18.84
N GLU A 49 12.33 0.54 17.52
CA GLU A 49 11.09 0.84 16.83
C GLU A 49 10.11 -0.33 16.90
N ALA A 50 8.81 -0.02 16.83
CA ALA A 50 7.78 -1.05 16.86
C ALA A 50 7.77 -1.84 15.56
N PRO A 51 7.62 -3.17 15.66
CA PRO A 51 7.65 -4.07 14.50
C PRO A 51 6.54 -3.77 13.49
N LEU A 52 6.82 -4.01 12.22
CA LEU A 52 5.86 -3.77 11.15
C LEU A 52 5.23 -5.07 10.68
N ASN A 53 3.91 -5.07 10.56
CA ASN A 53 3.15 -6.27 10.20
C ASN A 53 3.43 -6.74 8.77
N ASN A 54 4.02 -5.88 7.96
CA ASN A 54 4.35 -6.22 6.58
C ASN A 54 5.28 -7.43 6.48
N PHE A 55 6.11 -7.61 7.51
CA PHE A 55 7.14 -8.63 7.49
C PHE A 55 6.80 -9.80 8.42
N SER A 56 5.62 -9.75 9.02
CA SER A 56 5.19 -10.80 9.95
C SER A 56 4.81 -12.08 9.21
N VAL A 57 5.20 -13.22 9.77
CA VAL A 57 4.86 -14.51 9.20
C VAL A 57 3.72 -15.15 9.99
N ALA A 58 3.10 -14.35 10.84
CA ALA A 58 1.98 -14.81 11.66
C ALA A 58 0.76 -15.08 10.79
N GLN A 59 0.10 -16.21 11.04
CA GLN A 59 -1.08 -16.63 10.29
C GLN A 59 -0.82 -16.66 8.79
N CYS A 60 0.25 -17.35 8.40
CA CYS A 60 0.62 -17.49 7.00
C CYS A 60 0.78 -18.96 6.64
N GLN A 61 0.63 -19.28 5.36
CA GLN A 61 0.87 -20.63 4.91
C GLN A 61 2.16 -20.72 4.10
N LEU A 62 2.94 -21.76 4.38
CA LEU A 62 4.20 -21.97 3.68
C LEU A 62 4.03 -23.02 2.59
N MET A 63 4.59 -22.74 1.42
CA MET A 63 4.48 -23.63 0.28
C MET A 63 5.85 -23.91 -0.35
N LYS A 64 6.14 -25.18 -0.59
CA LYS A 64 7.37 -25.57 -1.25
C LYS A 64 7.10 -25.87 -2.72
N THR A 65 7.80 -25.17 -3.61
CA THR A 65 7.59 -25.34 -5.04
C THR A 65 8.91 -25.56 -5.78
N GLU A 66 8.83 -26.23 -6.93
CA GLU A 66 9.99 -26.43 -7.79
C GLU A 66 9.88 -25.51 -9.00
N ARG A 67 8.82 -24.72 -9.05
CA ARG A 67 8.59 -23.76 -10.11
C ARG A 67 8.42 -22.37 -9.53
N PRO A 68 8.95 -21.33 -10.19
CA PRO A 68 9.66 -21.40 -11.48
C PRO A 68 11.10 -21.91 -11.32
N ARG A 69 11.53 -22.08 -10.08
CA ARG A 69 12.90 -22.48 -9.76
C ARG A 69 12.89 -23.52 -8.64
N PRO A 70 13.70 -24.59 -8.80
CA PRO A 70 13.86 -25.64 -7.78
C PRO A 70 14.23 -25.07 -6.41
N ASN A 71 13.82 -25.76 -5.35
CA ASN A 71 14.11 -25.35 -3.96
C ASN A 71 13.54 -23.96 -3.63
N THR A 72 12.37 -23.67 -4.19
CA THR A 72 11.66 -22.43 -3.89
C THR A 72 10.62 -22.64 -2.79
N PHE A 73 10.57 -21.74 -1.83
CA PHE A 73 9.48 -21.75 -0.86
C PHE A 73 8.81 -20.37 -0.79
N ILE A 74 7.51 -20.36 -0.58
CA ILE A 74 6.73 -19.13 -0.60
C ILE A 74 6.01 -18.89 0.72
N ILE A 75 6.06 -17.65 1.21
CA ILE A 75 5.28 -17.26 2.37
C ILE A 75 4.06 -16.46 1.90
N ARG A 76 2.88 -17.05 2.03
CA ARG A 76 1.64 -16.40 1.61
C ARG A 76 0.84 -15.93 2.81
N CYS A 77 0.54 -14.64 2.84
CA CYS A 77 -0.18 -14.05 3.96
C CYS A 77 -1.35 -13.20 3.49
N LEU A 78 -2.44 -13.24 4.25
CA LEU A 78 -3.52 -12.29 4.05
C LEU A 78 -3.31 -11.10 4.97
N GLN A 79 -2.95 -9.96 4.41
CA GLN A 79 -2.80 -8.74 5.18
C GLN A 79 -3.94 -7.79 4.87
N TRP A 80 -4.78 -7.56 5.88
CA TRP A 80 -6.03 -6.83 5.74
C TRP A 80 -6.92 -7.48 4.68
N THR A 81 -6.98 -6.88 3.48
CA THR A 81 -7.83 -7.40 2.42
C THR A 81 -7.04 -7.77 1.17
N THR A 82 -5.72 -7.92 1.32
CA THR A 82 -4.88 -8.29 0.18
C THR A 82 -4.00 -9.50 0.49
N VAL A 83 -4.06 -10.50 -0.39
CA VAL A 83 -3.21 -11.68 -0.26
C VAL A 83 -1.85 -11.43 -0.89
N ILE A 84 -0.81 -11.41 -0.06
CA ILE A 84 0.53 -11.13 -0.53
C ILE A 84 1.39 -12.39 -0.51
N GLU A 85 2.45 -12.39 -1.31
CA GLU A 85 3.37 -13.52 -1.36
C GLU A 85 4.82 -13.04 -1.41
N ARG A 86 5.67 -13.70 -0.64
CA ARG A 86 7.11 -13.47 -0.70
C ARG A 86 7.80 -14.75 -1.13
N THR A 87 8.49 -14.70 -2.26
CA THR A 87 9.09 -15.88 -2.87
C THR A 87 10.59 -15.95 -2.61
N PHE A 88 11.05 -17.09 -2.10
CA PHE A 88 12.45 -17.25 -1.75
C PHE A 88 13.07 -18.48 -2.42
N HIS A 89 14.39 -18.54 -2.41
CA HIS A 89 15.12 -19.67 -2.97
C HIS A 89 16.41 -19.94 -2.21
N VAL A 90 16.69 -21.22 -1.99
CA VAL A 90 17.97 -21.65 -1.42
C VAL A 90 18.62 -22.66 -2.35
N GLU A 91 19.86 -23.05 -2.03
CA GLU A 91 20.62 -23.94 -2.90
C GLU A 91 20.20 -25.40 -2.75
N THR A 92 20.06 -25.87 -1.52
CA THR A 92 19.74 -27.27 -1.26
C THR A 92 18.35 -27.43 -0.64
N PRO A 93 17.69 -28.57 -0.95
CA PRO A 93 16.37 -28.86 -0.37
C PRO A 93 16.41 -28.99 1.14
N GLU A 94 17.53 -29.46 1.68
CA GLU A 94 17.72 -29.56 3.12
C GLU A 94 17.71 -28.17 3.75
N GLU A 95 18.27 -27.21 3.03
CA GLU A 95 18.33 -25.83 3.51
C GLU A 95 16.96 -25.19 3.51
N ARG A 96 16.14 -25.54 2.51
CA ARG A 96 14.77 -25.04 2.43
C ARG A 96 13.95 -25.58 3.60
N GLU A 97 14.16 -26.85 3.92
CA GLU A 97 13.42 -27.50 4.99
C GLU A 97 13.70 -26.84 6.34
N GLU A 98 14.97 -26.47 6.56
CA GLU A 98 15.37 -25.83 7.79
C GLU A 98 14.69 -24.49 7.96
N TRP A 99 14.59 -23.73 6.87
CA TRP A 99 13.94 -22.42 6.90
C TRP A 99 12.44 -22.55 7.11
N THR A 100 11.80 -23.44 6.37
CA THR A 100 10.36 -23.62 6.43
C THR A 100 9.89 -24.09 7.81
N THR A 101 10.65 -25.00 8.40
CA THR A 101 10.33 -25.50 9.74
C THR A 101 10.46 -24.39 10.76
N ALA A 102 11.53 -23.61 10.64
CA ALA A 102 11.78 -22.49 11.54
C ALA A 102 10.67 -21.46 11.46
N ILE A 103 10.32 -21.07 10.24
CA ILE A 103 9.26 -20.10 10.02
C ILE A 103 7.92 -20.60 10.54
N GLN A 104 7.63 -21.88 10.28
CA GLN A 104 6.38 -22.48 10.73
C GLN A 104 6.33 -22.56 12.26
N THR A 105 7.47 -22.88 12.87
CA THR A 105 7.57 -22.95 14.33
C THR A 105 7.26 -21.59 14.96
N VAL A 106 7.80 -20.53 14.36
CA VAL A 106 7.55 -19.18 14.84
C VAL A 106 6.08 -18.81 14.67
N ALA A 107 5.52 -19.14 13.52
CA ALA A 107 4.11 -18.86 13.23
C ALA A 107 3.18 -19.59 14.18
N ASP A 108 3.57 -20.80 14.58
CA ASP A 108 2.78 -21.59 15.52
C ASP A 108 2.88 -21.01 16.93
N GLY A 109 3.99 -20.37 17.23
CA GLY A 109 4.21 -19.79 18.54
C GLY A 109 3.36 -18.56 18.77
N LEU A 110 3.03 -17.86 17.69
CA LEU A 110 2.20 -16.66 17.77
C LEU A 110 0.72 -17.00 17.72
N LYS A 111 0.43 -18.23 17.28
CA LYS A 111 -0.94 -18.72 17.14
C LYS A 111 -1.70 -18.66 18.46
N LYS A 112 -1.00 -18.97 19.54
CA LYS A 112 -1.57 -19.02 20.88
C LYS A 112 -2.10 -17.66 21.35
N GLN A 113 -3.40 -17.61 21.65
CA GLN A 113 -4.03 -16.39 22.16
C GLN A 113 -5.08 -16.71 23.21
N ARG A 144 -27.18 -11.36 7.18
CA ARG A 144 -26.21 -12.09 6.37
C ARG A 144 -26.15 -11.52 4.96
N VAL A 145 -25.04 -10.88 4.63
CA VAL A 145 -24.87 -10.26 3.32
C VAL A 145 -24.60 -11.31 2.26
N THR A 146 -25.24 -11.18 1.10
CA THR A 146 -25.01 -12.08 -0.02
C THR A 146 -24.64 -11.29 -1.27
N MET A 147 -24.36 -12.01 -2.36
CA MET A 147 -24.01 -11.37 -3.62
C MET A 147 -25.24 -10.77 -4.28
N ASN A 148 -26.42 -11.27 -3.91
CA ASN A 148 -27.67 -10.82 -4.49
C ASN A 148 -28.04 -9.39 -4.11
N GLU A 149 -27.46 -8.91 -3.01
CA GLU A 149 -27.77 -7.56 -2.53
C GLU A 149 -27.01 -6.49 -3.30
N PHE A 150 -26.13 -6.92 -4.20
CA PHE A 150 -25.29 -6.00 -4.95
C PHE A 150 -25.50 -6.09 -6.45
N GLU A 151 -25.42 -4.95 -7.12
CA GLU A 151 -25.50 -4.90 -8.58
C GLU A 151 -24.12 -4.73 -9.19
N TYR A 152 -23.74 -5.64 -10.08
CA TYR A 152 -22.48 -5.52 -10.78
C TYR A 152 -22.49 -4.30 -11.70
N LEU A 153 -21.40 -3.54 -11.69
CA LEU A 153 -21.30 -2.35 -12.52
C LEU A 153 -20.12 -2.42 -13.48
N LYS A 154 -18.94 -2.72 -12.94
CA LYS A 154 -17.71 -2.58 -13.71
C LYS A 154 -16.52 -3.31 -13.08
N LEU A 155 -15.72 -3.96 -13.92
CA LEU A 155 -14.48 -4.58 -13.47
C LEU A 155 -13.44 -3.51 -13.17
N LEU A 156 -12.90 -3.53 -11.95
CA LEU A 156 -11.91 -2.54 -11.56
C LEU A 156 -10.48 -3.06 -11.74
N GLY A 157 -10.27 -4.34 -11.44
CA GLY A 157 -8.95 -4.92 -11.56
C GLY A 157 -8.94 -6.43 -11.40
N LYS A 158 -8.00 -7.08 -12.08
CA LYS A 158 -7.81 -8.52 -11.95
C LYS A 158 -6.52 -8.82 -11.20
N GLY A 159 -6.51 -9.94 -10.48
CA GLY A 159 -5.34 -10.35 -9.73
C GLY A 159 -5.13 -11.84 -9.82
N THR A 160 -4.02 -12.31 -9.25
CA THR A 160 -3.69 -13.73 -9.27
C THR A 160 -4.71 -14.55 -8.48
N PHE A 161 -5.12 -14.03 -7.33
CA PHE A 161 -5.99 -14.77 -6.43
C PHE A 161 -7.40 -14.18 -6.32
N GLY A 162 -7.83 -13.51 -7.38
CA GLY A 162 -9.18 -12.95 -7.41
C GLY A 162 -9.29 -11.67 -8.21
N LYS A 163 -10.40 -10.96 -8.02
CA LYS A 163 -10.65 -9.73 -8.76
C LYS A 163 -11.32 -8.68 -7.89
N VAL A 164 -11.37 -7.45 -8.40
CA VAL A 164 -12.04 -6.35 -7.73
C VAL A 164 -13.04 -5.70 -8.68
N ILE A 165 -14.30 -5.61 -8.26
CA ILE A 165 -15.34 -5.05 -9.10
C ILE A 165 -16.05 -3.88 -8.42
N LEU A 166 -16.53 -2.94 -9.23
CA LEU A 166 -17.36 -1.85 -8.73
C LEU A 166 -18.80 -2.30 -8.63
N VAL A 167 -19.37 -2.22 -7.43
CA VAL A 167 -20.73 -2.67 -7.22
C VAL A 167 -21.60 -1.57 -6.63
N LYS A 168 -22.91 -1.79 -6.69
CA LYS A 168 -23.88 -0.87 -6.11
C LYS A 168 -24.87 -1.65 -5.27
N GLU A 169 -24.95 -1.35 -3.98
CA GLU A 169 -25.92 -1.99 -3.10
C GLU A 169 -27.32 -1.55 -3.52
N LYS A 170 -28.14 -2.53 -3.92
CA LYS A 170 -29.46 -2.26 -4.46
C LYS A 170 -30.36 -1.50 -3.49
N ALA A 171 -30.26 -1.82 -2.21
CA ALA A 171 -31.15 -1.25 -1.20
C ALA A 171 -30.91 0.25 -1.01
N THR A 172 -29.64 0.64 -0.93
CA THR A 172 -29.28 2.00 -0.59
C THR A 172 -28.79 2.82 -1.78
N GLY A 173 -28.23 2.12 -2.78
CA GLY A 173 -27.72 2.79 -3.96
C GLY A 173 -26.30 3.29 -3.77
N ARG A 174 -25.66 2.87 -2.69
CA ARG A 174 -24.29 3.27 -2.39
C ARG A 174 -23.32 2.59 -3.34
N TYR A 175 -22.13 3.19 -3.49
CA TYR A 175 -21.09 2.61 -4.33
C TYR A 175 -20.06 1.88 -3.48
N TYR A 176 -19.68 0.68 -3.92
CA TYR A 176 -18.68 -0.11 -3.21
C TYR A 176 -17.71 -0.80 -4.16
N ALA A 177 -16.48 -1.01 -3.69
CA ALA A 177 -15.52 -1.84 -4.39
C ALA A 177 -15.46 -3.19 -3.70
N MET A 178 -15.80 -4.26 -4.42
CA MET A 178 -15.84 -5.59 -3.82
C MET A 178 -14.65 -6.44 -4.25
N LYS A 179 -13.78 -6.75 -3.29
CA LYS A 179 -12.68 -7.66 -3.52
C LYS A 179 -13.16 -9.11 -3.42
N ILE A 180 -13.09 -9.83 -4.53
CA ILE A 180 -13.53 -11.22 -4.57
C ILE A 180 -12.33 -12.16 -4.67
N LEU A 181 -11.98 -12.79 -3.56
CA LEU A 181 -10.76 -13.59 -3.48
C LEU A 181 -11.04 -15.09 -3.38
N LYS A 182 -10.13 -15.89 -3.94
CA LYS A 182 -10.23 -17.34 -3.84
C LYS A 182 -10.01 -17.81 -2.40
N LYS A 183 -10.96 -18.57 -1.88
CA LYS A 183 -10.94 -18.98 -0.48
C LYS A 183 -9.79 -19.94 -0.16
N GLU A 184 -9.41 -20.76 -1.13
CA GLU A 184 -8.37 -21.76 -0.94
C GLU A 184 -7.05 -21.17 -0.47
N VAL A 185 -6.66 -20.04 -1.06
CA VAL A 185 -5.35 -19.44 -0.79
C VAL A 185 -5.29 -18.72 0.55
N ILE A 186 -6.40 -18.71 1.28
CA ILE A 186 -6.48 -17.93 2.50
C ILE A 186 -6.72 -18.82 3.73
N VAL A 187 -7.80 -19.60 3.72
CA VAL A 187 -8.14 -20.47 4.85
C VAL A 187 -8.52 -21.88 4.39
N ALA A 188 -8.25 -22.89 5.22
CA ALA A 188 -8.58 -24.28 4.88
C ALA A 188 -9.91 -24.73 5.48
N LYS A 189 -10.48 -23.92 6.36
CA LYS A 189 -11.75 -24.27 7.01
C LYS A 189 -12.79 -23.16 6.87
N ASP A 190 -14.05 -23.56 6.67
CA ASP A 190 -15.14 -22.59 6.53
C ASP A 190 -15.44 -21.87 7.84
N GLU A 191 -15.17 -22.54 8.96
CA GLU A 191 -15.42 -21.96 10.28
C GLU A 191 -14.44 -20.82 10.57
N VAL A 192 -13.18 -21.03 10.23
CA VAL A 192 -12.15 -20.02 10.45
C VAL A 192 -12.34 -18.84 9.50
N ALA A 193 -12.80 -19.13 8.29
CA ALA A 193 -13.07 -18.09 7.31
C ALA A 193 -14.24 -17.23 7.75
N HIS A 194 -15.22 -17.85 8.39
CA HIS A 194 -16.39 -17.14 8.90
C HIS A 194 -16.00 -16.16 10.01
N THR A 195 -15.08 -16.60 10.86
CA THR A 195 -14.57 -15.75 11.94
C THR A 195 -13.76 -14.60 11.36
N LEU A 196 -13.12 -14.85 10.22
CA LEU A 196 -12.34 -13.83 9.53
C LEU A 196 -13.25 -12.75 8.97
N THR A 197 -14.41 -13.17 8.45
CA THR A 197 -15.38 -12.24 7.88
C THR A 197 -15.98 -11.35 8.95
N GLU A 198 -16.31 -11.94 10.09
CA GLU A 198 -16.91 -11.20 11.20
C GLU A 198 -15.92 -10.22 11.81
N ASN A 199 -14.69 -10.66 12.00
CA ASN A 199 -13.67 -9.85 12.65
C ASN A 199 -13.23 -8.65 11.80
N ARG A 200 -12.97 -8.90 10.52
CA ARG A 200 -12.51 -7.87 9.60
C ARG A 200 -13.43 -6.64 9.60
N VAL A 201 -14.72 -6.87 9.78
CA VAL A 201 -15.69 -5.78 9.85
C VAL A 201 -15.57 -5.02 11.16
N LEU A 202 -15.43 -5.76 12.26
CA LEU A 202 -15.30 -5.16 13.58
C LEU A 202 -13.92 -4.54 13.78
N GLN A 203 -12.89 -5.22 13.28
CA GLN A 203 -11.52 -4.75 13.39
C GLN A 203 -11.25 -3.57 12.45
N ASN A 204 -12.23 -3.22 11.64
CA ASN A 204 -12.07 -2.15 10.66
C ASN A 204 -11.70 -0.82 11.29
N SER A 205 -10.53 -0.31 10.90
CA SER A 205 -10.05 0.97 11.35
C SER A 205 -11.00 2.09 10.95
N ARG A 206 -11.40 2.90 11.91
CA ARG A 206 -12.30 4.02 11.63
C ARG A 206 -11.52 5.33 11.54
N HIS A 207 -10.83 5.51 10.42
CA HIS A 207 -10.17 6.78 10.12
C HIS A 207 -10.88 7.41 8.93
N PRO A 208 -11.18 8.71 9.03
CA PRO A 208 -12.01 9.42 8.05
C PRO A 208 -11.44 9.44 6.63
N PHE A 209 -10.13 9.22 6.48
CA PHE A 209 -9.48 9.38 5.19
C PHE A 209 -9.00 8.06 4.60
N LEU A 210 -9.48 6.96 5.16
CA LEU A 210 -9.23 5.63 4.61
C LEU A 210 -10.55 5.04 4.13
N THR A 211 -10.51 4.28 3.04
CA THR A 211 -11.72 3.62 2.55
C THR A 211 -12.07 2.45 3.46
N ALA A 212 -13.17 2.59 4.18
CA ALA A 212 -13.56 1.62 5.20
C ALA A 212 -14.05 0.31 4.60
N LEU A 213 -13.73 -0.79 5.28
CA LEU A 213 -14.28 -2.09 4.95
C LEU A 213 -15.67 -2.20 5.55
N LYS A 214 -16.69 -2.22 4.70
CA LYS A 214 -18.07 -2.15 5.15
C LYS A 214 -18.67 -3.53 5.42
N TYR A 215 -18.62 -4.41 4.43
CA TYR A 215 -19.13 -5.77 4.59
C TYR A 215 -18.06 -6.82 4.34
N SER A 216 -18.21 -7.99 4.96
CA SER A 216 -17.37 -9.13 4.65
C SER A 216 -18.20 -10.40 4.73
N PHE A 217 -18.19 -11.18 3.65
CA PHE A 217 -18.92 -12.43 3.58
C PHE A 217 -18.19 -13.41 2.68
N GLN A 218 -18.58 -14.68 2.75
CA GLN A 218 -17.96 -15.71 1.92
C GLN A 218 -19.00 -16.51 1.14
N THR A 219 -18.59 -17.02 -0.01
CA THR A 219 -19.41 -17.98 -0.75
C THR A 219 -18.82 -19.36 -0.53
N HIS A 220 -19.10 -20.29 -1.45
CA HIS A 220 -18.59 -21.64 -1.31
C HIS A 220 -17.11 -21.74 -1.68
N ASP A 221 -16.65 -20.83 -2.54
CA ASP A 221 -15.27 -20.87 -2.99
C ASP A 221 -14.62 -19.49 -3.06
N ARG A 222 -15.36 -18.46 -2.63
CA ARG A 222 -14.85 -17.09 -2.70
C ARG A 222 -14.97 -16.34 -1.38
N LEU A 223 -13.96 -15.53 -1.08
CA LEU A 223 -13.99 -14.64 0.08
C LEU A 223 -14.13 -13.19 -0.40
N CYS A 224 -15.09 -12.46 0.15
CA CYS A 224 -15.42 -11.14 -0.36
C CYS A 224 -15.25 -10.02 0.66
N PHE A 225 -14.55 -8.97 0.25
CA PHE A 225 -14.39 -7.76 1.08
C PHE A 225 -15.03 -6.57 0.38
N VAL A 226 -16.02 -5.97 1.03
CA VAL A 226 -16.75 -4.85 0.45
C VAL A 226 -16.24 -3.51 0.99
N MET A 227 -15.52 -2.77 0.15
CA MET A 227 -14.94 -1.49 0.54
C MET A 227 -15.81 -0.33 0.06
N GLU A 228 -15.90 0.72 0.85
CA GLU A 228 -16.64 1.91 0.46
C GLU A 228 -15.95 2.62 -0.70
N TYR A 229 -16.75 3.10 -1.65
CA TYR A 229 -16.21 3.72 -2.86
C TYR A 229 -16.61 5.19 -2.95
N ALA A 230 -15.61 6.07 -2.92
CA ALA A 230 -15.85 7.51 -2.97
C ALA A 230 -16.44 7.93 -4.31
N ASN A 231 -17.44 8.82 -4.26
CA ASN A 231 -18.10 9.27 -5.48
C ASN A 231 -17.78 10.72 -5.82
N GLY A 232 -16.69 11.23 -5.27
CA GLY A 232 -16.29 12.62 -5.50
C GLY A 232 -15.24 12.76 -6.58
N GLY A 233 -14.91 11.66 -7.25
CA GLY A 233 -13.99 11.68 -8.37
C GLY A 233 -12.55 11.33 -8.02
N GLU A 234 -11.88 10.69 -8.97
CA GLU A 234 -10.47 10.36 -8.83
C GLU A 234 -9.63 11.63 -8.74
N LEU A 235 -8.55 11.58 -7.97
CA LEU A 235 -7.70 12.75 -7.81
C LEU A 235 -6.87 13.01 -9.07
N PHE A 236 -6.61 11.98 -9.86
CA PHE A 236 -5.90 12.18 -11.11
C PHE A 236 -6.80 12.93 -12.08
N PHE A 237 -8.10 12.70 -11.96
CA PHE A 237 -9.08 13.38 -12.81
C PHE A 237 -9.13 14.87 -12.50
N HIS A 238 -9.21 15.19 -11.21
CA HIS A 238 -9.28 16.59 -10.76
C HIS A 238 -7.98 17.33 -11.05
N LEU A 239 -6.86 16.69 -10.80
CA LEU A 239 -5.55 17.31 -11.03
C LEU A 239 -5.32 17.51 -12.52
N SER A 240 -5.79 16.58 -13.33
CA SER A 240 -5.64 16.68 -14.78
C SER A 240 -6.40 17.87 -15.36
N ARG A 241 -7.60 18.11 -14.84
CA ARG A 241 -8.45 19.19 -15.35
C ARG A 241 -7.90 20.56 -14.97
N GLU A 242 -7.51 20.73 -13.71
CA GLU A 242 -7.00 22.01 -13.24
C GLU A 242 -5.48 22.09 -13.38
N ARG A 243 -4.90 21.08 -14.01
CA ARG A 243 -3.47 21.02 -14.31
C ARG A 243 -2.59 21.07 -13.06
N VAL A 244 -2.70 22.14 -12.26
CA VAL A 244 -1.89 22.27 -11.06
C VAL A 244 -2.75 22.71 -9.87
N PHE A 245 -2.45 22.20 -8.68
CA PHE A 245 -3.10 22.65 -7.46
C PHE A 245 -2.29 23.78 -6.83
N SER A 246 -2.96 24.69 -6.15
CA SER A 246 -2.26 25.73 -5.39
C SER A 246 -1.57 25.09 -4.20
N GLU A 247 -0.63 25.80 -3.60
CA GLU A 247 0.08 25.28 -2.43
C GLU A 247 -0.87 25.08 -1.26
N ASP A 248 -1.88 25.96 -1.16
CA ASP A 248 -2.88 25.85 -0.11
C ASP A 248 -3.71 24.58 -0.27
N ARG A 249 -4.15 24.31 -1.50
CA ARG A 249 -5.00 23.16 -1.76
C ARG A 249 -4.21 21.86 -1.61
N ALA A 250 -2.95 21.88 -2.02
CA ALA A 250 -2.09 20.71 -1.86
C ALA A 250 -1.76 20.48 -0.40
N ARG A 251 -1.70 21.56 0.37
CA ARG A 251 -1.47 21.49 1.80
C ARG A 251 -2.63 20.79 2.50
N PHE A 252 -3.84 21.07 2.03
CA PHE A 252 -5.05 20.46 2.58
C PHE A 252 -5.05 18.95 2.36
N TYR A 253 -4.91 18.55 1.11
CA TYR A 253 -4.86 17.13 0.76
C TYR A 253 -3.69 16.45 1.45
N GLY A 254 -2.54 17.12 1.45
CA GLY A 254 -1.35 16.60 2.08
C GLY A 254 -1.53 16.38 3.58
N ALA A 255 -2.21 17.32 4.23
CA ALA A 255 -2.44 17.23 5.68
C ALA A 255 -3.32 16.04 6.03
N GLU A 256 -4.31 15.76 5.18
CA GLU A 256 -5.22 14.65 5.41
C GLU A 256 -4.54 13.31 5.15
N ILE A 257 -3.63 13.28 4.18
CA ILE A 257 -2.85 12.08 3.89
C ILE A 257 -1.92 11.76 5.05
N VAL A 258 -1.25 12.79 5.56
CA VAL A 258 -0.35 12.64 6.71
C VAL A 258 -1.10 12.08 7.91
N SER A 259 -2.30 12.60 8.15
CA SER A 259 -3.15 12.14 9.25
C SER A 259 -3.46 10.66 9.12
N ALA A 260 -3.71 10.23 7.89
CA ALA A 260 -4.04 8.83 7.62
C ALA A 260 -2.82 7.93 7.79
N LEU A 261 -1.69 8.38 7.25
CA LEU A 261 -0.45 7.61 7.33
C LEU A 261 0.05 7.52 8.77
N ASP A 262 -0.13 8.59 9.53
CA ASP A 262 0.23 8.60 10.95
C ASP A 262 -0.56 7.52 11.70
N TYR A 263 -1.82 7.37 11.31
CA TYR A 263 -2.72 6.40 11.91
C TYR A 263 -2.27 4.97 11.62
N LEU A 264 -2.04 4.67 10.34
CA LEU A 264 -1.60 3.34 9.93
C LEU A 264 -0.30 2.93 10.60
N HIS A 265 0.61 3.88 10.77
CA HIS A 265 1.93 3.60 11.32
C HIS A 265 1.90 3.38 12.83
N SER A 266 1.24 4.28 13.56
CA SER A 266 1.28 4.25 15.02
C SER A 266 0.20 3.37 15.64
N GLU A 267 -0.91 3.19 14.94
CA GLU A 267 -2.01 2.39 15.47
C GLU A 267 -2.01 0.99 14.90
N LYS A 268 -1.81 0.86 13.58
CA LYS A 268 -1.89 -0.42 12.91
C LYS A 268 -0.52 -1.04 12.66
N ASN A 269 0.53 -0.25 12.86
CA ASN A 269 1.91 -0.70 12.65
C ASN A 269 2.12 -1.33 11.28
N VAL A 270 1.61 -0.68 10.24
CA VAL A 270 1.73 -1.19 8.89
C VAL A 270 2.16 -0.08 7.92
N VAL A 271 2.98 -0.44 6.95
CA VAL A 271 3.37 0.49 5.90
C VAL A 271 2.40 0.37 4.72
N TYR A 272 1.88 1.50 4.26
CA TYR A 272 0.89 1.49 3.19
C TYR A 272 1.50 1.09 1.85
N ARG A 273 2.67 1.63 1.55
CA ARG A 273 3.46 1.21 0.38
C ARG A 273 2.82 1.42 -0.99
N ASP A 274 1.61 1.96 -1.03
CA ASP A 274 0.88 2.13 -2.29
C ASP A 274 0.50 3.58 -2.56
N LEU A 275 1.09 4.51 -1.82
CA LEU A 275 0.71 5.92 -1.93
C LEU A 275 1.09 6.50 -3.28
N LYS A 276 0.09 6.66 -4.14
CA LYS A 276 0.27 7.33 -5.43
C LYS A 276 -1.02 8.05 -5.79
N LEU A 277 -0.98 8.86 -6.83
CA LEU A 277 -2.12 9.66 -7.24
C LEU A 277 -3.33 8.80 -7.59
N GLU A 278 -3.08 7.62 -8.15
CA GLU A 278 -4.15 6.73 -8.59
C GLU A 278 -4.89 6.09 -7.42
N ASN A 279 -4.31 6.16 -6.23
CA ASN A 279 -4.96 5.61 -5.04
C ASN A 279 -5.55 6.68 -4.14
N LEU A 280 -5.70 7.88 -4.69
CA LEU A 280 -6.32 8.98 -3.95
C LEU A 280 -7.64 9.39 -4.59
N MET A 281 -8.69 9.44 -3.78
CA MET A 281 -10.00 9.90 -4.25
C MET A 281 -10.58 10.94 -3.30
N LEU A 282 -11.60 11.65 -3.77
CA LEU A 282 -12.31 12.61 -2.93
C LEU A 282 -13.70 12.08 -2.63
N ASP A 283 -14.23 12.33 -1.44
CA ASP A 283 -15.61 11.96 -1.15
C ASP A 283 -16.53 13.07 -1.66
N LYS A 284 -17.82 12.95 -1.36
CA LYS A 284 -18.80 13.91 -1.85
C LYS A 284 -18.55 15.31 -1.29
N ASP A 285 -17.84 15.38 -0.16
CA ASP A 285 -17.61 16.65 0.52
C ASP A 285 -16.27 17.27 0.13
N GLY A 286 -15.40 16.48 -0.48
CA GLY A 286 -14.12 16.99 -0.93
C GLY A 286 -12.95 16.59 -0.06
N HIS A 287 -13.17 15.63 0.83
CA HIS A 287 -12.11 15.13 1.69
C HIS A 287 -11.40 13.95 1.03
N ILE A 288 -10.14 13.75 1.40
CA ILE A 288 -9.31 12.69 0.82
C ILE A 288 -9.76 11.30 1.29
N LYS A 289 -9.84 10.36 0.34
CA LYS A 289 -9.99 8.95 0.68
C LYS A 289 -8.83 8.15 0.08
N ILE A 290 -8.05 7.51 0.93
CA ILE A 290 -6.99 6.63 0.47
C ILE A 290 -7.56 5.24 0.22
N THR A 291 -7.38 4.74 -0.98
CA THR A 291 -8.08 3.53 -1.42
C THR A 291 -7.38 2.23 -1.04
N ASP A 292 -8.17 1.18 -0.92
CA ASP A 292 -7.69 -0.17 -0.69
C ASP A 292 -8.39 -1.09 -1.68
N PHE A 293 -8.11 -0.90 -2.97
CA PHE A 293 -8.80 -1.63 -4.02
C PHE A 293 -7.85 -2.55 -4.78
N GLY A 294 -6.59 -2.58 -4.34
CA GLY A 294 -5.56 -3.29 -5.07
C GLY A 294 -5.51 -4.79 -4.83
N LEU A 295 -4.93 -5.51 -5.79
CA LEU A 295 -4.68 -6.94 -5.66
C LEU A 295 -3.31 -7.29 -6.21
N CYS A 296 -2.70 -8.34 -5.67
CA CYS A 296 -1.38 -8.76 -6.13
C CYS A 296 -1.48 -9.45 -7.49
N LYS A 297 -0.69 -8.98 -8.44
CA LYS A 297 -0.71 -9.51 -9.79
C LYS A 297 0.64 -10.11 -10.17
N GLU A 298 0.64 -10.89 -11.25
CA GLU A 298 1.87 -11.27 -11.91
C GLU A 298 2.19 -10.19 -12.92
N GLY A 299 3.42 -9.69 -12.88
CA GLY A 299 3.82 -8.57 -13.73
C GLY A 299 3.69 -8.84 -15.22
N ILE A 300 3.88 -7.79 -16.02
CA ILE A 300 3.78 -7.91 -17.47
C ILE A 300 5.14 -8.06 -18.11
N LYS A 301 5.35 -9.17 -18.81
CA LYS A 301 6.61 -9.42 -19.51
C LYS A 301 6.72 -8.52 -20.73
N ASP A 302 7.86 -7.83 -20.84
CA ASP A 302 8.07 -6.86 -21.91
C ASP A 302 8.84 -7.45 -23.08
N GLY A 303 9.74 -8.38 -22.78
CA GLY A 303 10.59 -8.97 -23.80
C GLY A 303 11.94 -8.28 -23.85
N ALA A 304 12.05 -7.18 -23.13
CA ALA A 304 13.33 -6.48 -22.99
C ALA A 304 14.21 -7.25 -22.03
N THR A 305 15.04 -8.14 -22.58
CA THR A 305 15.82 -9.09 -21.80
C THR A 305 14.89 -9.98 -20.97
N MET A 306 13.67 -10.15 -21.48
CA MET A 306 12.66 -11.02 -20.87
C MET A 306 12.45 -10.71 -19.38
N LYS A 307 12.48 -9.43 -19.03
CA LYS A 307 12.34 -9.01 -17.64
C LYS A 307 10.89 -8.64 -17.32
N THR A 308 10.37 -9.20 -16.23
CA THR A 308 9.00 -8.96 -15.82
C THR A 308 8.91 -7.80 -14.83
N PHE A 309 8.01 -6.86 -15.09
CA PHE A 309 7.80 -5.72 -14.19
C PHE A 309 6.36 -5.67 -13.72
N CYS A 310 6.17 -5.38 -12.44
CA CYS A 310 4.83 -5.31 -11.85
C CYS A 310 4.32 -3.87 -11.81
N GLY A 311 3.40 -3.55 -12.72
CA GLY A 311 2.85 -2.21 -12.80
C GLY A 311 3.86 -1.20 -13.29
N THR A 312 3.70 0.05 -12.86
CA THR A 312 4.61 1.12 -13.24
C THR A 312 5.41 1.59 -12.03
N PRO A 313 6.70 1.87 -12.22
CA PRO A 313 7.61 2.12 -11.10
C PRO A 313 7.80 3.58 -10.72
N GLU A 314 7.10 4.50 -11.38
CA GLU A 314 7.33 5.94 -11.17
C GLU A 314 7.11 6.40 -9.74
N TYR A 315 6.26 5.70 -9.00
CA TYR A 315 5.91 6.10 -7.64
C TYR A 315 6.71 5.35 -6.58
N LEU A 316 7.40 4.30 -6.99
CA LEU A 316 8.11 3.42 -6.05
C LEU A 316 9.28 4.11 -5.36
N ALA A 317 9.39 3.89 -4.05
CA ALA A 317 10.52 4.37 -3.28
C ALA A 317 11.78 3.61 -3.67
N PRO A 318 12.94 4.26 -3.59
CA PRO A 318 14.23 3.66 -3.94
C PRO A 318 14.50 2.35 -3.22
N GLU A 319 14.28 2.31 -1.91
CA GLU A 319 14.56 1.12 -1.12
C GLU A 319 13.63 -0.03 -1.48
N VAL A 320 12.42 0.31 -1.91
CA VAL A 320 11.45 -0.70 -2.34
C VAL A 320 11.81 -1.22 -3.72
N LEU A 321 12.21 -0.30 -4.60
CA LEU A 321 12.59 -0.63 -5.96
C LEU A 321 13.80 -1.58 -5.98
N GLU A 322 14.68 -1.43 -5.00
CA GLU A 322 15.88 -2.25 -4.93
C GLU A 322 15.69 -3.51 -4.09
N ASP A 323 14.47 -3.72 -3.63
CA ASP A 323 14.14 -4.84 -2.72
C ASP A 323 15.03 -4.82 -1.49
N ASN A 324 15.33 -3.62 -0.99
CA ASN A 324 16.10 -3.46 0.23
C ASN A 324 15.19 -3.45 1.46
N ASP A 325 15.80 -3.38 2.64
CA ASP A 325 15.05 -3.17 3.87
C ASP A 325 14.28 -1.86 3.77
N TYR A 326 13.02 -1.87 4.22
CA TYR A 326 12.20 -0.67 4.16
C TYR A 326 11.30 -0.56 5.38
N GLY A 327 10.79 0.64 5.63
CA GLY A 327 9.93 0.89 6.77
C GLY A 327 8.91 1.98 6.50
N ARG A 328 8.61 2.75 7.53
CA ARG A 328 7.59 3.80 7.45
C ARG A 328 7.96 4.93 6.51
N ALA A 329 9.26 5.08 6.25
CA ALA A 329 9.76 6.14 5.39
C ALA A 329 9.26 6.00 3.94
N VAL A 330 8.88 4.77 3.57
CA VAL A 330 8.34 4.50 2.24
C VAL A 330 7.13 5.36 1.92
N ASP A 331 6.22 5.46 2.87
CA ASP A 331 4.99 6.22 2.69
C ASP A 331 5.25 7.72 2.58
N TRP A 332 6.31 8.19 3.21
CA TRP A 332 6.64 9.60 3.16
C TRP A 332 7.24 9.96 1.81
N TRP A 333 7.93 9.00 1.19
CA TRP A 333 8.37 9.15 -0.19
C TRP A 333 7.15 9.27 -1.08
N GLY A 334 6.15 8.43 -0.81
CA GLY A 334 4.89 8.46 -1.55
C GLY A 334 4.19 9.80 -1.40
N LEU A 335 4.24 10.36 -0.19
CA LEU A 335 3.68 11.68 0.06
C LEU A 335 4.40 12.72 -0.77
N GLY A 336 5.72 12.60 -0.85
CA GLY A 336 6.54 13.50 -1.63
C GLY A 336 6.18 13.44 -3.11
N VAL A 337 6.03 12.23 -3.64
CA VAL A 337 5.67 12.04 -5.03
C VAL A 337 4.33 12.67 -5.36
N VAL A 338 3.33 12.38 -4.54
CA VAL A 338 1.99 12.91 -4.73
C VAL A 338 1.96 14.43 -4.64
N MET A 339 2.54 14.97 -3.57
CA MET A 339 2.54 16.41 -3.34
C MET A 339 3.40 17.16 -4.35
N TYR A 340 4.39 16.49 -4.91
CA TYR A 340 5.20 17.10 -5.97
C TYR A 340 4.33 17.34 -7.19
N GLU A 341 3.60 16.31 -7.60
CA GLU A 341 2.78 16.40 -8.81
C GLU A 341 1.64 17.40 -8.66
N MET A 342 1.10 17.52 -7.44
CA MET A 342 0.00 18.43 -7.20
C MET A 342 0.44 19.89 -7.34
N MET A 343 1.65 20.20 -6.90
CA MET A 343 2.13 21.58 -6.89
C MET A 343 2.97 21.93 -8.12
N CYS A 344 3.48 20.91 -8.81
CA CYS A 344 4.35 21.16 -9.95
C CYS A 344 3.67 20.85 -11.28
N GLY A 345 2.69 19.96 -11.25
CA GLY A 345 1.93 19.62 -12.44
C GLY A 345 2.54 18.51 -13.28
N ARG A 346 3.46 17.76 -12.69
CA ARG A 346 4.09 16.62 -13.37
C ARG A 346 4.72 15.68 -12.36
N LEU A 347 4.99 14.45 -12.78
CA LEU A 347 5.66 13.47 -11.94
C LEU A 347 7.11 13.88 -11.70
N PRO A 348 7.63 13.62 -10.49
CA PRO A 348 9.02 13.96 -10.15
C PRO A 348 10.03 13.25 -11.04
N PHE A 349 9.78 11.98 -11.32
CA PHE A 349 10.68 11.19 -12.15
C PHE A 349 9.90 10.46 -13.24
N TYR A 350 10.26 10.70 -14.49
CA TYR A 350 9.61 10.03 -15.61
C TYR A 350 10.54 9.81 -16.79
N ASN A 351 10.46 8.62 -17.37
CA ASN A 351 11.17 8.29 -18.60
C ASN A 351 10.52 7.09 -19.26
N GLN A 352 10.52 7.06 -20.58
CA GLN A 352 9.89 5.97 -21.32
C GLN A 352 10.58 4.63 -21.05
N ASP A 353 11.90 4.66 -21.01
CA ASP A 353 12.67 3.46 -20.70
C ASP A 353 12.68 3.19 -19.19
N HIS A 354 12.43 1.94 -18.82
CA HIS A 354 12.36 1.58 -17.41
C HIS A 354 13.74 1.58 -16.74
N GLU A 355 14.75 1.13 -17.47
CA GLU A 355 16.11 1.10 -16.94
C GLU A 355 16.62 2.50 -16.64
N LYS A 356 16.16 3.47 -17.45
CA LYS A 356 16.50 4.86 -17.22
C LYS A 356 15.64 5.45 -16.12
N LEU A 357 14.38 5.03 -16.07
CA LEU A 357 13.45 5.49 -15.05
C LEU A 357 13.91 5.05 -13.66
N PHE A 358 14.45 3.84 -13.59
CA PHE A 358 15.00 3.31 -12.34
C PHE A 358 16.13 4.20 -11.83
N GLU A 359 17.02 4.58 -12.74
CA GLU A 359 18.19 5.39 -12.41
C GLU A 359 17.80 6.78 -11.93
N LEU A 360 16.75 7.35 -12.52
CA LEU A 360 16.28 8.67 -12.11
C LEU A 360 15.77 8.61 -10.68
N ILE A 361 15.07 7.54 -10.35
CA ILE A 361 14.54 7.35 -9.01
C ILE A 361 15.65 7.07 -8.00
N LEU A 362 16.64 6.29 -8.40
CA LEU A 362 17.71 5.88 -7.50
C LEU A 362 18.81 6.92 -7.35
N MET A 363 19.12 7.63 -8.43
CA MET A 363 20.32 8.47 -8.47
C MET A 363 20.10 9.97 -8.68
N GLU A 364 19.19 10.33 -9.59
CA GLU A 364 19.04 11.74 -9.95
C GLU A 364 18.37 12.57 -8.85
N GLU A 365 18.97 13.73 -8.56
CA GLU A 365 18.40 14.68 -7.62
C GLU A 365 17.09 15.24 -8.15
N ILE A 366 16.19 15.60 -7.24
CA ILE A 366 14.89 16.13 -7.63
C ILE A 366 14.99 17.63 -7.93
N ARG A 367 14.40 18.04 -9.06
CA ARG A 367 14.43 19.44 -9.47
C ARG A 367 13.06 20.07 -9.29
N PHE A 368 13.04 21.37 -9.04
CA PHE A 368 11.78 22.08 -8.79
C PHE A 368 11.59 23.25 -9.75
N PRO A 369 10.34 23.53 -10.10
CA PRO A 369 10.00 24.73 -10.88
C PRO A 369 10.33 25.98 -10.08
N ARG A 370 10.69 27.06 -10.77
CA ARG A 370 11.10 28.30 -10.09
C ARG A 370 9.89 29.09 -9.60
N THR A 371 8.69 28.53 -9.79
CA THR A 371 7.46 29.14 -9.30
C THR A 371 7.05 28.47 -7.98
N LEU A 372 7.90 27.58 -7.49
CA LEU A 372 7.62 26.85 -6.26
C LEU A 372 8.27 27.54 -5.06
N GLY A 373 7.49 27.79 -4.02
CA GLY A 373 7.99 28.47 -2.84
C GLY A 373 9.02 27.68 -2.07
N PRO A 374 9.81 28.36 -1.23
CA PRO A 374 10.88 27.74 -0.43
C PRO A 374 10.36 26.72 0.57
N GLU A 375 9.19 26.99 1.16
CA GLU A 375 8.60 26.05 2.12
C GLU A 375 8.24 24.75 1.44
N ALA A 376 7.67 24.86 0.24
CA ALA A 376 7.29 23.69 -0.54
C ALA A 376 8.52 22.90 -0.96
N LYS A 377 9.57 23.60 -1.38
CA LYS A 377 10.80 22.96 -1.82
C LYS A 377 11.47 22.21 -0.67
N SER A 378 11.45 22.81 0.52
CA SER A 378 12.03 22.17 1.70
C SER A 378 11.32 20.86 2.04
N LEU A 379 9.98 20.91 2.00
CA LEU A 379 9.17 19.73 2.29
C LEU A 379 9.41 18.63 1.26
N LEU A 380 9.32 18.98 -0.02
CA LEU A 380 9.45 18.01 -1.09
C LEU A 380 10.85 17.38 -1.15
N SER A 381 11.87 18.21 -1.00
CA SER A 381 13.25 17.71 -1.02
C SER A 381 13.51 16.79 0.18
N GLY A 382 12.89 17.11 1.30
CA GLY A 382 13.01 16.29 2.49
C GLY A 382 12.28 14.97 2.33
N LEU A 383 11.09 15.02 1.73
CA LEU A 383 10.29 13.82 1.52
C LEU A 383 10.86 12.91 0.43
N LEU A 384 11.61 13.50 -0.49
CA LEU A 384 12.13 12.74 -1.63
C LEU A 384 13.62 12.45 -1.51
N LYS A 385 14.12 12.40 -0.28
CA LYS A 385 15.50 12.02 -0.03
C LYS A 385 15.72 10.55 -0.41
N LYS A 386 16.82 10.30 -1.10
CA LYS A 386 17.15 8.95 -1.56
C LYS A 386 17.32 7.98 -0.39
N ASP A 387 18.02 8.43 0.64
CA ASP A 387 18.25 7.63 1.83
C ASP A 387 17.11 7.79 2.83
N PRO A 388 16.36 6.70 3.07
CA PRO A 388 15.21 6.71 4.00
C PRO A 388 15.60 7.13 5.41
N LYS A 389 16.83 6.84 5.81
CA LYS A 389 17.31 7.20 7.15
C LYS A 389 17.44 8.73 7.27
N GLN A 390 17.60 9.40 6.14
CA GLN A 390 17.74 10.85 6.13
C GLN A 390 16.48 11.54 5.61
N ARG A 391 15.52 10.73 5.16
CA ARG A 391 14.27 11.25 4.62
C ARG A 391 13.41 11.87 5.70
N LEU A 392 12.70 12.93 5.35
CA LEU A 392 11.80 13.61 6.27
C LEU A 392 10.71 12.66 6.75
N GLY A 393 10.62 12.46 8.07
CA GLY A 393 9.67 11.52 8.63
C GLY A 393 10.28 10.13 8.75
N GLY A 394 11.57 10.04 8.47
CA GLY A 394 12.27 8.77 8.51
C GLY A 394 12.80 8.41 9.88
N GLY A 395 12.78 9.39 10.78
CA GLY A 395 13.27 9.18 12.13
C GLY A 395 12.29 8.41 13.00
N SER A 396 12.57 8.34 14.30
CA SER A 396 11.74 7.59 15.23
C SER A 396 10.42 8.32 15.52
N GLU A 397 10.38 9.62 15.22
CA GLU A 397 9.18 10.41 15.49
C GLU A 397 8.16 10.33 14.35
N ASP A 398 8.60 9.78 13.21
CA ASP A 398 7.74 9.51 12.07
C ASP A 398 6.98 10.74 11.57
N ALA A 399 5.65 10.67 11.64
CA ALA A 399 4.78 11.70 11.06
C ALA A 399 4.93 13.05 11.74
N LYS A 400 5.34 13.02 13.00
CA LYS A 400 5.48 14.25 13.78
C LYS A 400 6.56 15.16 13.20
N GLU A 401 7.55 14.57 12.54
CA GLU A 401 8.60 15.33 11.89
C GLU A 401 8.05 16.14 10.73
N ILE A 402 6.99 15.62 10.12
CA ILE A 402 6.36 16.26 8.97
C ILE A 402 5.28 17.24 9.42
N MET A 403 4.56 16.88 10.47
CA MET A 403 3.52 17.74 11.02
C MET A 403 4.11 19.04 11.57
N GLN A 404 5.35 18.98 12.02
CA GLN A 404 6.02 20.14 12.60
C GLN A 404 6.79 20.94 11.55
N HIS A 405 6.84 20.42 10.32
CA HIS A 405 7.53 21.11 9.24
C HIS A 405 6.85 22.44 8.94
N ARG A 406 7.63 23.43 8.52
CA ARG A 406 7.12 24.79 8.34
C ARG A 406 6.08 24.91 7.22
N PHE A 407 6.02 23.90 6.36
CA PHE A 407 5.03 23.91 5.28
C PHE A 407 3.63 23.76 5.85
N PHE A 408 3.51 23.01 6.94
CA PHE A 408 2.22 22.79 7.59
C PHE A 408 2.06 23.69 8.82
N ALA A 409 2.70 24.85 8.78
CA ALA A 409 2.56 25.82 9.86
C ALA A 409 1.14 26.39 9.87
N GLY A 410 0.56 26.45 11.06
CA GLY A 410 -0.81 26.95 11.21
C GLY A 410 -1.83 25.83 11.20
N ILE A 411 -1.47 24.70 10.62
CA ILE A 411 -2.36 23.54 10.56
C ILE A 411 -2.58 22.94 11.94
N VAL A 412 -3.83 22.95 12.39
CA VAL A 412 -4.21 22.29 13.63
C VAL A 412 -4.57 20.84 13.35
N TRP A 413 -3.68 19.93 13.74
CA TRP A 413 -3.77 18.53 13.33
C TRP A 413 -4.93 17.77 13.96
N GLN A 414 -5.42 18.24 15.10
CA GLN A 414 -6.62 17.66 15.67
C GLN A 414 -7.82 17.99 14.81
N HIS A 415 -7.80 19.19 14.23
CA HIS A 415 -8.88 19.66 13.38
C HIS A 415 -8.88 18.90 12.05
N VAL A 416 -7.72 18.41 11.64
CA VAL A 416 -7.59 17.64 10.40
C VAL A 416 -8.27 16.29 10.55
N TYR A 417 -7.98 15.61 11.66
CA TYR A 417 -8.57 14.31 11.94
C TYR A 417 -10.08 14.41 12.13
N GLU A 418 -10.52 15.52 12.71
CA GLU A 418 -11.94 15.72 13.01
C GLU A 418 -12.66 16.41 11.85
N LYS A 419 -11.98 16.53 10.71
CA LYS A 419 -12.53 17.13 9.49
C LYS A 419 -13.11 18.53 9.71
N LYS A 420 -12.49 19.28 10.62
CA LYS A 420 -12.91 20.65 10.87
C LYS A 420 -12.53 21.54 9.69
N LEU A 421 -11.45 21.17 9.01
CA LEU A 421 -10.96 21.93 7.86
C LEU A 421 -11.94 21.84 6.69
N SER A 422 -12.37 22.99 6.19
CA SER A 422 -13.26 23.05 5.04
C SER A 422 -12.50 22.82 3.74
N PRO A 423 -12.93 21.83 2.95
CA PRO A 423 -12.31 21.49 1.67
C PRO A 423 -12.33 22.65 0.67
N PRO A 424 -11.17 22.95 0.07
CA PRO A 424 -11.04 24.05 -0.90
C PRO A 424 -11.81 23.79 -2.18
N PHE A 425 -12.05 22.52 -2.49
CA PHE A 425 -12.81 22.16 -3.68
C PHE A 425 -14.00 21.27 -3.33
N LYS A 426 -15.18 21.69 -3.75
CA LYS A 426 -16.40 20.91 -3.54
C LYS A 426 -16.81 20.20 -4.82
N PRO A 427 -16.65 18.87 -4.85
CA PRO A 427 -17.04 18.04 -6.00
C PRO A 427 -18.51 18.24 -6.37
N GLN A 428 -18.81 18.24 -7.66
CA GLN A 428 -20.15 18.54 -8.12
C GLN A 428 -21.11 17.35 -7.94
N VAL A 429 -21.42 17.02 -6.69
CA VAL A 429 -22.36 15.94 -6.41
C VAL A 429 -23.38 16.37 -5.37
N THR A 430 -24.61 15.91 -5.54
CA THR A 430 -25.71 16.25 -4.63
C THR A 430 -25.69 15.37 -3.38
N SER A 431 -25.24 14.14 -3.53
CA SER A 431 -25.17 13.20 -2.40
C SER A 431 -24.15 12.11 -2.65
N GLU A 432 -24.17 11.08 -1.81
CA GLU A 432 -23.21 9.99 -1.90
C GLU A 432 -23.61 8.98 -2.98
N THR A 433 -24.82 9.14 -3.52
CA THR A 433 -25.31 8.24 -4.54
C THR A 433 -25.31 8.93 -5.91
N ASP A 434 -24.91 10.20 -5.93
CA ASP A 434 -24.79 10.94 -7.19
C ASP A 434 -23.75 10.24 -8.07
N THR A 435 -24.08 10.07 -9.34
CA THR A 435 -23.26 9.25 -10.23
C THR A 435 -22.49 10.07 -11.26
N ARG A 436 -22.30 11.35 -10.99
CA ARG A 436 -21.69 12.26 -11.97
C ARG A 436 -20.31 11.80 -12.43
N TYR A 437 -19.49 11.36 -11.47
CA TYR A 437 -18.14 10.91 -11.80
C TYR A 437 -18.16 9.43 -12.20
N PHE A 438 -19.33 8.97 -12.60
CA PHE A 438 -19.51 7.65 -13.20
C PHE A 438 -20.23 7.76 -14.55
N ASP A 439 -20.43 8.99 -15.01
CA ASP A 439 -21.13 9.23 -16.28
C ASP A 439 -20.17 9.83 -17.30
N GLU A 440 -20.64 10.04 -18.52
CA GLU A 440 -19.79 10.52 -19.62
C GLU A 440 -19.27 11.94 -19.41
N GLU A 441 -19.40 12.45 -18.19
CA GLU A 441 -18.85 13.75 -17.84
C GLU A 441 -17.34 13.63 -17.61
N PHE A 442 -16.87 12.45 -17.22
CA PHE A 442 -15.43 12.30 -16.97
C PHE A 442 -14.63 12.04 -18.23
N THR A 443 -15.29 12.08 -19.39
CA THR A 443 -14.59 11.96 -20.66
C THR A 443 -13.78 13.22 -20.89
N ALA A 444 -14.21 14.31 -20.29
CA ALA A 444 -13.52 15.59 -20.39
C ALA A 444 -12.17 15.56 -19.68
#